data_3VBQ
#
_entry.id   3VBQ
#
_cell.length_a   97.709
_cell.length_b   97.709
_cell.length_c   81.174
_cell.angle_alpha   90.00
_cell.angle_beta   90.00
_cell.angle_gamma   120.00
#
_symmetry.space_group_name_H-M   'P 65'
#
loop_
_entity.id
_entity.type
_entity.pdbx_description
1 polymer 'Serine/threonine-protein kinase pim-1'
2 non-polymer (5~{Z})-5-[[3-[6-[(4-azanylcyclohexyl)amino]pyrazin-2-yl]phenyl]methylidene]-1,3-thiazolidine-2,4-dione
3 water water
#
_entity_poly.entity_id   1
_entity_poly.type   'polypeptide(L)'
_entity_poly.pdbx_seq_one_letter_code
;MKEKEPLESQYQVGPLLGSGGFGSVYSGIRVSDNLPVAIKHVEKDRISDWGELPNGTRVPMEVVLLKKVSSGFSGVIRLL
DWFERPDSFVLILERPEPVQDLFDFITERGALQEELARSFFWQVLEAVRHCHNCGVLHRDIKDENILIDLNRGELKLIDF
GSGALLKDTVYTDFDGTRVYSPPEWIRYHRYHGRSAAVWSLGILLYDMVCGDIPFEHDEEIIRGQVFFRQRVSSECQHLI
RWCLALRPSDRPTFEEIQNHPWMQDVLLPQETAEIHLHSLSPGPSKAAALEHHHHHHHH
;
_entity_poly.pdbx_strand_id   A
#
loop_
_chem_comp.id
_chem_comp.type
_chem_comp.name
_chem_comp.formula
0F5 non-polymer (5~{Z})-5-[[3-[6-[(4-azanylcyclohexyl)amino]pyrazin-2-yl]phenyl]methylidene]-1,3-thiazolidine-2,4-dione 'C20 H21 N5 O2 S'
#
# COMPACT_ATOMS: atom_id res chain seq x y z
N GLU A 8 7.85 -10.14 -23.93
CA GLU A 8 7.39 -10.35 -25.30
C GLU A 8 7.93 -11.74 -25.82
N SER A 9 9.16 -11.79 -26.34
CA SER A 9 10.05 -12.94 -26.13
C SER A 9 11.14 -12.62 -25.00
N GLN A 10 11.08 -11.44 -24.37
CA GLN A 10 11.98 -11.24 -23.20
C GLN A 10 11.52 -11.94 -21.91
N TYR A 11 10.25 -12.35 -21.85
CA TYR A 11 9.66 -12.86 -20.59
C TYR A 11 8.95 -14.16 -20.81
N GLN A 12 9.10 -15.13 -19.89
CA GLN A 12 8.16 -16.21 -19.87
C GLN A 12 7.06 -15.99 -18.88
N VAL A 13 5.85 -16.30 -19.31
CA VAL A 13 4.68 -16.04 -18.45
C VAL A 13 4.41 -17.27 -17.62
N GLY A 14 4.20 -17.10 -16.33
CA GLY A 14 3.74 -18.19 -15.48
C GLY A 14 2.28 -17.93 -15.06
N PRO A 15 1.89 -18.37 -13.86
CA PRO A 15 0.46 -18.30 -13.53
C PRO A 15 -0.07 -16.90 -13.26
N LEU A 16 -1.39 -16.72 -13.48
CA LEU A 16 -2.07 -15.48 -13.07
C LEU A 16 -1.96 -15.32 -11.54
N LEU A 17 -1.52 -14.15 -11.07
CA LEU A 17 -1.41 -13.93 -9.66
C LEU A 17 -2.73 -13.23 -9.19
N GLY A 18 -3.33 -12.36 -10.00
CA GLY A 18 -4.66 -11.83 -9.55
C GLY A 18 -5.19 -10.94 -10.66
N SER A 19 -6.46 -10.55 -10.52
CA SER A 19 -7.06 -9.63 -11.44
C SER A 19 -8.14 -8.79 -10.83
N GLY A 20 -8.41 -7.62 -11.36
CA GLY A 20 -9.53 -6.85 -10.78
C GLY A 20 -9.68 -5.52 -11.42
N GLY A 21 -10.04 -4.52 -10.60
CA GLY A 21 -9.95 -3.10 -10.95
C GLY A 21 -8.59 -2.81 -11.58
N PHE A 22 -7.51 -3.26 -10.92
CA PHE A 22 -6.09 -3.15 -11.47
C PHE A 22 -5.70 -3.84 -12.79
N GLY A 23 -6.67 -4.47 -13.53
CA GLY A 23 -6.45 -5.28 -14.82
C GLY A 23 -6.01 -6.72 -14.43
N SER A 24 -4.98 -7.32 -15.06
CA SER A 24 -4.55 -8.69 -14.64
C SER A 24 -3.07 -8.75 -14.44
N VAL A 25 -2.60 -9.49 -13.43
CA VAL A 25 -1.18 -9.56 -13.12
C VAL A 25 -0.72 -10.99 -13.07
N TYR A 26 0.41 -11.27 -13.73
CA TYR A 26 0.91 -12.66 -13.87
C TYR A 26 2.30 -12.73 -13.28
N SER A 27 2.64 -13.92 -12.77
CA SER A 27 4.02 -14.27 -12.41
C SER A 27 4.77 -14.48 -13.71
N GLY A 28 6.04 -14.14 -13.74
CA GLY A 28 6.84 -14.35 -14.94
C GLY A 28 8.29 -14.45 -14.61
N ILE A 29 9.12 -14.69 -15.64
CA ILE A 29 10.57 -14.74 -15.41
C ILE A 29 11.19 -14.01 -16.61
N ARG A 30 12.22 -13.23 -16.32
CA ARG A 30 12.93 -12.54 -17.37
C ARG A 30 13.92 -13.57 -17.96
N VAL A 31 13.76 -13.83 -19.25
CA VAL A 31 14.45 -14.99 -19.85
C VAL A 31 15.98 -14.84 -19.78
N SER A 32 16.47 -13.60 -19.93
CA SER A 32 17.92 -13.39 -20.06
C SER A 32 18.67 -13.80 -18.81
N ASP A 33 18.16 -13.47 -17.61
CA ASP A 33 18.85 -13.84 -16.38
C ASP A 33 18.05 -14.63 -15.35
N ASN A 34 16.90 -15.19 -15.75
CA ASN A 34 15.96 -15.84 -14.85
C ASN A 34 15.38 -15.00 -13.66
N LEU A 35 15.40 -13.70 -13.79
CA LEU A 35 14.92 -12.85 -12.68
C LEU A 35 13.41 -13.03 -12.51
N PRO A 36 12.96 -13.32 -11.28
CA PRO A 36 11.49 -13.35 -11.09
C PRO A 36 10.86 -11.95 -11.31
N VAL A 37 9.75 -11.90 -12.06
CA VAL A 37 9.06 -10.63 -12.27
C VAL A 37 7.55 -10.81 -12.13
N ALA A 38 6.85 -9.68 -12.08
CA ALA A 38 5.38 -9.79 -12.17
C ALA A 38 5.06 -9.01 -13.43
N ILE A 39 4.08 -9.47 -14.21
CA ILE A 39 3.73 -8.78 -15.44
C ILE A 39 2.29 -8.26 -15.40
N LYS A 40 2.12 -6.93 -15.34
CA LYS A 40 0.81 -6.36 -15.05
C LYS A 40 0.21 -5.72 -16.28
N HIS A 41 -0.98 -6.17 -16.69
CA HIS A 41 -1.63 -5.66 -17.91
C HIS A 41 -2.69 -4.69 -17.50
N VAL A 42 -2.61 -3.50 -18.04
CA VAL A 42 -3.52 -2.42 -17.60
C VAL A 42 -4.33 -2.06 -18.85
N GLU A 43 -5.66 -2.25 -18.85
CA GLU A 43 -6.47 -1.88 -20.03
C GLU A 43 -6.52 -0.30 -20.24
N LYS A 44 -6.31 0.17 -21.47
CA LYS A 44 -6.35 1.65 -21.74
C LYS A 44 -7.69 2.28 -21.38
N ASP A 45 -8.78 1.56 -21.58
CA ASP A 45 -10.11 2.02 -21.22
C ASP A 45 -10.35 2.29 -19.74
N ARG A 46 -9.44 1.86 -18.89
CA ARG A 46 -9.72 1.86 -17.48
C ARG A 46 -8.74 2.77 -16.81
N ILE A 47 -7.83 3.34 -17.60
CA ILE A 47 -6.90 4.31 -17.07
C ILE A 47 -7.62 5.66 -17.09
N SER A 48 -7.87 6.23 -15.91
CA SER A 48 -8.40 7.62 -15.76
C SER A 48 -7.31 8.70 -15.88
N ASP A 49 -6.11 8.45 -15.35
CA ASP A 49 -5.05 9.43 -15.38
C ASP A 49 -3.84 9.08 -16.15
N TRP A 50 -3.44 10.03 -16.99
CA TRP A 50 -2.44 9.81 -17.94
C TRP A 50 -1.45 10.79 -17.53
N GLY A 51 -0.19 10.53 -17.83
CA GLY A 51 0.87 11.47 -17.57
C GLY A 51 1.70 11.46 -18.82
N GLU A 52 2.85 12.11 -18.77
CA GLU A 52 3.69 12.06 -19.96
C GLU A 52 5.13 12.01 -19.56
N LEU A 53 5.97 11.42 -20.39
CA LEU A 53 7.36 11.33 -20.01
C LEU A 53 8.15 12.57 -20.46
N PRO A 54 9.22 12.93 -19.71
CA PRO A 54 10.11 14.02 -20.11
C PRO A 54 10.62 13.92 -21.55
N ASN A 55 9.79 13.40 -22.45
CA ASN A 55 10.09 13.38 -23.89
C ASN A 55 8.80 13.17 -24.67
N GLY A 56 7.68 13.55 -24.05
CA GLY A 56 6.40 13.59 -24.76
C GLY A 56 5.56 12.33 -24.81
N THR A 57 6.18 11.15 -24.80
CA THR A 57 5.42 9.86 -24.78
C THR A 57 4.27 9.88 -23.72
N ARG A 58 3.06 9.55 -24.15
CA ARG A 58 1.87 9.57 -23.30
C ARG A 58 1.72 8.22 -22.49
N VAL A 59 1.79 8.27 -21.14
CA VAL A 59 1.78 7.02 -20.30
C VAL A 59 0.64 6.97 -19.23
N PRO A 60 0.27 5.75 -18.73
CA PRO A 60 -0.57 5.84 -17.59
C PRO A 60 0.17 6.63 -16.45
N MET A 61 -0.59 7.37 -15.67
CA MET A 61 0.04 8.07 -14.47
C MET A 61 0.77 7.05 -13.57
N GLU A 62 0.23 5.83 -13.46
CA GLU A 62 0.89 4.81 -12.66
C GLU A 62 2.34 4.66 -13.07
N VAL A 63 2.65 4.73 -14.38
CA VAL A 63 4.06 4.59 -14.79
C VAL A 63 4.92 5.80 -14.33
N VAL A 64 4.37 7.02 -14.42
CA VAL A 64 5.09 8.23 -13.95
C VAL A 64 5.38 8.09 -12.44
N LEU A 65 4.34 7.67 -11.69
CA LEU A 65 4.49 7.51 -10.25
C LEU A 65 5.52 6.45 -9.86
N LEU A 66 5.49 5.30 -10.53
CA LEU A 66 6.45 4.27 -10.23
C LEU A 66 7.87 4.78 -10.56
N LYS A 67 8.03 5.48 -11.69
CA LYS A 67 9.37 5.98 -11.97
C LYS A 67 9.85 6.95 -10.87
N LYS A 68 8.94 7.81 -10.39
CA LYS A 68 9.33 8.75 -9.30
C LYS A 68 9.86 8.07 -8.01
N VAL A 69 9.30 6.90 -7.69
CA VAL A 69 9.68 6.30 -6.43
C VAL A 69 10.71 5.18 -6.70
N SER A 70 11.06 4.95 -7.99
CA SER A 70 11.98 3.82 -8.38
C SER A 70 13.35 3.87 -7.60
N SER A 71 13.73 5.10 -7.37
CA SER A 71 14.93 5.62 -6.84
C SER A 71 15.12 5.56 -5.29
N GLY A 72 16.01 4.74 -4.77
CA GLY A 72 16.58 5.11 -3.48
C GLY A 72 15.94 4.57 -2.22
N PHE A 73 15.23 3.44 -2.36
CA PHE A 73 14.79 2.59 -1.23
C PHE A 73 14.79 1.13 -1.76
N SER A 74 13.94 0.32 -1.12
CA SER A 74 13.56 -1.08 -1.34
C SER A 74 12.11 -1.39 -0.75
N GLY A 75 11.53 -0.49 0.06
CA GLY A 75 10.19 -0.80 0.62
C GLY A 75 9.05 -0.50 -0.39
N VAL A 76 9.40 0.00 -1.59
CA VAL A 76 8.33 0.26 -2.59
C VAL A 76 8.72 -0.61 -3.80
N ILE A 77 7.73 -1.15 -4.49
CA ILE A 77 7.97 -2.03 -5.63
C ILE A 77 8.72 -1.28 -6.74
N ARG A 78 9.64 -2.00 -7.41
CA ARG A 78 10.45 -1.39 -8.49
C ARG A 78 9.87 -1.73 -9.90
N LEU A 79 9.60 -0.69 -10.70
CA LEU A 79 9.18 -0.86 -12.14
C LEU A 79 10.47 -1.16 -12.93
N LEU A 80 10.52 -2.28 -13.59
CA LEU A 80 11.74 -2.64 -14.35
C LEU A 80 11.66 -2.22 -15.83
N ASP A 81 10.44 -2.26 -16.40
CA ASP A 81 10.24 -1.97 -17.82
C ASP A 81 8.78 -1.84 -18.07
N TRP A 82 8.43 -1.31 -19.22
CA TRP A 82 7.00 -1.25 -19.61
C TRP A 82 6.94 -1.26 -21.09
N PHE A 83 5.78 -1.63 -21.60
CA PHE A 83 5.55 -1.78 -23.06
C PHE A 83 4.17 -1.20 -23.35
N GLU A 84 3.97 -0.68 -24.56
CA GLU A 84 2.64 -0.28 -24.97
C GLU A 84 2.08 -1.27 -26.06
N ARG A 85 0.80 -1.55 -26.04
CA ARG A 85 0.14 -2.44 -26.97
C ARG A 85 -1.06 -1.70 -27.44
N PRO A 86 -1.73 -2.20 -28.50
CA PRO A 86 -2.85 -1.40 -28.98
C PRO A 86 -3.91 -1.05 -27.95
N ASP A 87 -4.30 -1.96 -27.04
CA ASP A 87 -5.38 -1.64 -26.11
C ASP A 87 -4.98 -1.60 -24.62
N SER A 88 -3.68 -1.72 -24.36
CA SER A 88 -3.21 -1.94 -22.97
C SER A 88 -1.77 -1.47 -22.84
N PHE A 89 -1.37 -1.18 -21.59
CA PHE A 89 0.06 -1.16 -21.28
C PHE A 89 0.45 -2.37 -20.47
N VAL A 90 1.72 -2.75 -20.55
CA VAL A 90 2.24 -3.89 -19.85
C VAL A 90 3.40 -3.42 -19.01
N LEU A 91 3.25 -3.54 -17.69
CA LEU A 91 4.28 -3.13 -16.76
C LEU A 91 5.02 -4.36 -16.25
N ILE A 92 6.36 -4.31 -16.26
CA ILE A 92 7.19 -5.36 -15.66
C ILE A 92 7.70 -4.91 -14.28
N LEU A 93 7.27 -5.62 -13.25
CA LEU A 93 7.60 -5.23 -11.87
C LEU A 93 8.52 -6.29 -11.26
N GLU A 94 9.31 -5.87 -10.30
CA GLU A 94 10.10 -6.87 -9.53
C GLU A 94 9.20 -7.83 -8.78
N ARG A 95 9.70 -9.00 -8.45
CA ARG A 95 8.88 -9.97 -7.70
C ARG A 95 9.81 -10.73 -6.71
N PRO A 96 9.71 -10.45 -5.41
CA PRO A 96 10.42 -11.26 -4.38
C PRO A 96 9.91 -12.67 -4.45
N GLU A 97 10.75 -13.61 -4.09
CA GLU A 97 10.28 -14.98 -4.05
C GLU A 97 11.09 -15.71 -2.99
N PRO A 98 10.46 -16.36 -2.01
CA PRO A 98 9.05 -16.59 -1.79
C PRO A 98 8.42 -15.28 -1.26
N VAL A 99 7.15 -15.09 -1.57
CA VAL A 99 6.47 -13.86 -1.17
C VAL A 99 5.10 -14.27 -0.74
N GLN A 100 4.47 -13.49 0.15
CA GLN A 100 3.02 -13.66 0.31
C GLN A 100 2.35 -12.26 0.47
N ASP A 101 1.18 -12.06 -0.10
CA ASP A 101 0.52 -10.79 0.03
C ASP A 101 0.02 -10.68 1.48
N LEU A 102 0.05 -9.48 2.08
CA LEU A 102 -0.26 -9.40 3.50
C LEU A 102 -1.74 -9.74 3.78
N PHE A 103 -2.63 -9.43 2.84
CA PHE A 103 -4.03 -9.83 3.01
C PHE A 103 -4.12 -11.35 3.21
N ASP A 104 -3.38 -12.11 2.38
CA ASP A 104 -3.38 -13.63 2.51
C ASP A 104 -2.78 -14.11 3.79
N PHE A 105 -1.72 -13.43 4.25
CA PHE A 105 -1.07 -13.77 5.47
C PHE A 105 -1.97 -13.60 6.66
N ILE A 106 -2.71 -12.49 6.66
CA ILE A 106 -3.66 -12.25 7.78
C ILE A 106 -4.87 -13.21 7.63
N THR A 107 -5.31 -13.50 6.41
CA THR A 107 -6.31 -14.58 6.28
C THR A 107 -5.83 -15.83 6.96
N GLU A 108 -4.56 -16.21 6.82
CA GLU A 108 -4.10 -17.45 7.35
C GLU A 108 -3.73 -17.41 8.79
N ARG A 109 -3.19 -16.30 9.29
CA ARG A 109 -2.71 -16.35 10.68
C ARG A 109 -3.73 -15.71 11.63
N GLY A 110 -4.71 -14.98 11.11
CA GLY A 110 -5.64 -14.21 11.99
C GLY A 110 -4.93 -12.89 12.45
N ALA A 111 -5.37 -12.37 13.58
CA ALA A 111 -4.76 -11.18 14.18
C ALA A 111 -3.28 -11.43 14.46
N LEU A 112 -2.44 -10.43 14.17
CA LEU A 112 -1.02 -10.56 14.35
C LEU A 112 -0.56 -10.19 15.75
N GLN A 113 0.43 -10.91 16.26
CA GLN A 113 1.01 -10.52 17.57
C GLN A 113 1.53 -9.09 17.47
N GLU A 114 1.43 -8.30 18.54
CA GLU A 114 1.81 -6.84 18.37
C GLU A 114 3.24 -6.65 17.91
N GLU A 115 4.19 -7.49 18.39
CA GLU A 115 5.56 -7.31 17.92
C GLU A 115 5.69 -7.41 16.39
N LEU A 116 4.99 -8.37 15.80
CA LEU A 116 4.96 -8.54 14.36
C LEU A 116 4.22 -7.40 13.70
N ALA A 117 3.05 -7.04 14.16
CA ALA A 117 2.38 -5.87 13.57
C ALA A 117 3.25 -4.63 13.66
N ARG A 118 3.98 -4.43 14.76
CA ARG A 118 4.78 -3.20 14.86
C ARG A 118 5.90 -3.19 13.80
N SER A 119 6.56 -4.30 13.57
CA SER A 119 7.61 -4.36 12.57
C SER A 119 7.00 -4.11 11.18
N PHE A 120 5.86 -4.74 10.91
CA PHE A 120 5.27 -4.53 9.58
C PHE A 120 4.81 -3.07 9.40
N PHE A 121 4.09 -2.55 10.41
CA PHE A 121 3.54 -1.20 10.32
C PHE A 121 4.69 -0.19 10.12
N TRP A 122 5.75 -0.37 10.94
CA TRP A 122 6.91 0.53 10.82
C TRP A 122 7.41 0.49 9.39
N GLN A 123 7.58 -0.71 8.81
CA GLN A 123 8.07 -0.77 7.45
C GLN A 123 7.09 -0.11 6.47
N VAL A 124 5.79 -0.21 6.73
CA VAL A 124 4.84 0.45 5.78
C VAL A 124 5.04 1.99 5.93
N LEU A 125 5.17 2.48 7.17
CA LEU A 125 5.42 3.93 7.34
C LEU A 125 6.67 4.40 6.60
N GLU A 126 7.76 3.60 6.63
CA GLU A 126 8.98 4.01 5.91
C GLU A 126 8.70 4.08 4.40
N ALA A 127 7.91 3.12 3.87
CA ALA A 127 7.62 3.06 2.43
C ALA A 127 6.70 4.26 2.03
N VAL A 128 5.71 4.59 2.87
CA VAL A 128 4.81 5.72 2.52
C VAL A 128 5.59 7.04 2.63
N ARG A 129 6.49 7.14 3.62
CA ARG A 129 7.30 8.40 3.75
C ARG A 129 8.14 8.51 2.51
N HIS A 130 8.68 7.38 2.02
CA HIS A 130 9.49 7.43 0.77
C HIS A 130 8.64 7.90 -0.44
N CYS A 131 7.42 7.37 -0.59
CA CYS A 131 6.54 7.89 -1.68
C CYS A 131 6.34 9.39 -1.58
N HIS A 132 5.99 9.83 -0.37
CA HIS A 132 5.74 11.26 -0.21
C HIS A 132 6.93 12.10 -0.46
N ASN A 133 8.06 11.66 0.05
CA ASN A 133 9.33 12.38 -0.30
C ASN A 133 9.65 12.44 -1.77
N CYS A 134 9.15 11.50 -2.53
CA CYS A 134 9.38 11.53 -3.97
C CYS A 134 8.25 12.27 -4.67
N GLY A 135 7.29 12.83 -3.95
CA GLY A 135 6.19 13.65 -4.60
C GLY A 135 5.02 12.79 -5.08
N VAL A 136 4.88 11.55 -4.51
CA VAL A 136 3.85 10.59 -4.88
C VAL A 136 2.95 10.26 -3.70
N LEU A 137 1.65 10.37 -3.94
CA LEU A 137 0.59 9.95 -2.98
C LEU A 137 0.00 8.63 -3.45
N HIS A 138 0.11 7.57 -2.64
CA HIS A 138 -0.37 6.25 -3.13
C HIS A 138 -1.89 6.09 -3.28
N ARG A 139 -2.68 6.54 -2.27
CA ARG A 139 -4.16 6.55 -2.23
C ARG A 139 -4.84 5.17 -2.21
N ASP A 140 -4.07 4.12 -2.06
CA ASP A 140 -4.74 2.83 -1.79
C ASP A 140 -3.94 1.94 -0.83
N ILE A 141 -3.45 2.51 0.28
CA ILE A 141 -2.70 1.69 1.27
C ILE A 141 -3.74 0.72 1.92
N LYS A 142 -3.47 -0.58 1.88
CA LYS A 142 -4.38 -1.60 2.50
C LYS A 142 -3.56 -2.90 2.48
N ASP A 143 -4.02 -3.91 3.22
CA ASP A 143 -3.20 -5.14 3.30
C ASP A 143 -3.03 -5.84 1.98
N GLU A 144 -4.01 -5.72 1.07
CA GLU A 144 -3.93 -6.35 -0.29
C GLU A 144 -2.75 -5.77 -1.09
N ASN A 145 -2.35 -4.53 -0.75
CA ASN A 145 -1.31 -3.89 -1.54
C ASN A 145 0.02 -3.87 -0.84
N ILE A 146 0.25 -4.85 0.04
CA ILE A 146 1.56 -4.96 0.67
C ILE A 146 2.01 -6.41 0.46
N LEU A 147 3.23 -6.57 -0.02
CA LEU A 147 3.77 -7.94 -0.17
C LEU A 147 4.77 -8.14 0.97
N ILE A 148 4.87 -9.40 1.42
CA ILE A 148 5.91 -9.76 2.41
C ILE A 148 6.95 -10.70 1.79
N ASP A 149 8.21 -10.30 1.78
CA ASP A 149 9.32 -11.17 1.36
C ASP A 149 9.56 -12.07 2.59
N LEU A 150 9.20 -13.37 2.48
CA LEU A 150 9.14 -14.30 3.58
C LEU A 150 10.54 -14.68 4.09
N ASN A 151 11.56 -14.59 3.26
CA ASN A 151 12.90 -14.97 3.71
C ASN A 151 13.52 -13.83 4.50
N ARG A 152 13.29 -12.61 3.98
CA ARG A 152 13.99 -11.43 4.55
C ARG A 152 13.17 -10.58 5.50
N GLY A 153 11.86 -10.83 5.56
CA GLY A 153 10.97 -10.11 6.53
C GLY A 153 10.74 -8.66 6.07
N GLU A 154 11.00 -8.39 4.80
CA GLU A 154 10.88 -7.01 4.21
C GLU A 154 9.56 -6.87 3.54
N LEU A 155 8.86 -5.73 3.79
CA LEU A 155 7.58 -5.54 3.11
C LEU A 155 7.76 -4.64 1.91
N LYS A 156 6.84 -4.72 0.93
CA LYS A 156 6.92 -3.90 -0.28
C LYS A 156 5.55 -3.36 -0.52
N LEU A 157 5.43 -2.05 -0.71
CA LEU A 157 4.13 -1.47 -1.07
C LEU A 157 3.97 -1.56 -2.61
N ILE A 158 2.83 -2.02 -3.06
CA ILE A 158 2.63 -2.25 -4.51
C ILE A 158 1.32 -1.53 -4.99
N ASP A 159 1.03 -1.65 -6.30
CA ASP A 159 -0.18 -1.09 -6.89
C ASP A 159 -0.39 0.39 -6.73
N PHE A 160 0.35 1.12 -7.57
CA PHE A 160 0.20 2.56 -7.67
C PHE A 160 -0.87 2.99 -8.63
N GLY A 161 -1.72 2.05 -9.08
CA GLY A 161 -2.76 2.47 -10.08
C GLY A 161 -3.88 3.39 -9.58
N SER A 162 -3.94 3.70 -8.28
CA SER A 162 -4.90 4.74 -7.82
C SER A 162 -4.20 5.98 -7.37
N GLY A 163 -2.90 6.02 -7.60
CA GLY A 163 -2.10 7.11 -6.89
C GLY A 163 -2.19 8.47 -7.66
N ALA A 164 -1.54 9.51 -7.13
CA ALA A 164 -1.53 10.83 -7.80
C ALA A 164 -0.23 11.49 -7.42
N LEU A 165 0.14 12.55 -8.15
CA LEU A 165 1.15 13.43 -7.69
C LEU A 165 0.72 14.03 -6.33
N LEU A 166 1.67 14.09 -5.39
CA LEU A 166 1.36 14.67 -4.07
C LEU A 166 1.22 16.20 -4.20
N LYS A 167 0.21 16.77 -3.58
CA LYS A 167 0.03 18.26 -3.66
C LYS A 167 -0.47 18.70 -2.30
N ASP A 168 -0.49 20.04 -2.05
CA ASP A 168 -0.87 20.53 -0.72
C ASP A 168 -2.30 21.06 -0.64
N THR A 169 -2.98 21.01 -1.77
CA THR A 169 -4.38 21.49 -1.86
C THR A 169 -5.32 20.25 -1.88
N VAL A 170 -6.63 20.48 -2.00
CA VAL A 170 -7.57 19.43 -1.76
C VAL A 170 -7.69 18.54 -2.99
N TYR A 171 -7.95 17.26 -2.78
CA TYR A 171 -8.26 16.32 -3.87
C TYR A 171 -9.76 16.16 -3.83
N THR A 172 -10.36 16.02 -5.01
CA THR A 172 -11.85 15.92 -5.08
C THR A 172 -12.20 14.72 -5.96
N ASP A 173 -11.22 13.90 -6.30
CA ASP A 173 -11.48 12.63 -7.00
C ASP A 173 -10.86 11.55 -6.13
N PHE A 174 -11.35 10.31 -6.24
CA PHE A 174 -10.73 9.19 -5.53
C PHE A 174 -11.20 7.91 -6.14
N ASP A 175 -10.30 6.97 -6.31
CA ASP A 175 -10.68 5.69 -6.83
C ASP A 175 -9.95 4.56 -6.13
N GLY A 176 -9.53 4.73 -4.88
CA GLY A 176 -8.87 3.59 -4.16
C GLY A 176 -9.96 2.81 -3.46
N THR A 177 -9.73 2.28 -2.25
CA THR A 177 -10.68 1.34 -1.63
C THR A 177 -11.55 2.11 -0.65
N ARG A 178 -12.88 2.06 -0.87
CA ARG A 178 -13.76 2.91 0.01
C ARG A 178 -13.68 2.61 1.51
N VAL A 179 -13.52 1.33 1.89
CA VAL A 179 -13.52 1.01 3.34
C VAL A 179 -12.20 1.49 4.01
N TYR A 180 -11.21 1.97 3.23
CA TYR A 180 -10.00 2.58 3.82
C TYR A 180 -10.00 4.11 3.67
N SER A 181 -11.07 4.64 3.08
CA SER A 181 -11.11 6.08 2.78
C SER A 181 -11.68 6.84 4.02
N PRO A 182 -11.33 8.12 4.16
CA PRO A 182 -11.69 8.89 5.36
C PRO A 182 -13.12 9.52 5.31
N PRO A 183 -13.64 9.90 6.49
CA PRO A 183 -15.00 10.48 6.61
C PRO A 183 -15.18 11.70 5.78
N GLU A 184 -14.12 12.53 5.58
CA GLU A 184 -14.32 13.77 4.73
C GLU A 184 -14.48 13.33 3.27
N TRP A 185 -13.89 12.19 2.85
CA TRP A 185 -14.16 11.73 1.47
C TRP A 185 -15.63 11.24 1.40
N ILE A 186 -16.03 10.42 2.36
CA ILE A 186 -17.43 9.90 2.32
C ILE A 186 -18.49 11.04 2.32
N ARG A 187 -18.32 11.99 3.23
CA ARG A 187 -19.27 13.08 3.37
C ARG A 187 -19.19 14.15 2.31
N TYR A 188 -17.98 14.56 1.93
CA TYR A 188 -17.82 15.76 1.14
C TYR A 188 -17.12 15.57 -0.18
N HIS A 189 -16.60 14.40 -0.43
CA HIS A 189 -15.82 14.15 -1.62
C HIS A 189 -14.64 15.09 -1.68
N ARG A 190 -13.98 15.30 -0.56
CA ARG A 190 -12.83 16.22 -0.55
C ARG A 190 -11.88 15.64 0.51
N TYR A 191 -10.58 15.65 0.22
CA TYR A 191 -9.63 15.26 1.32
C TYR A 191 -8.28 15.91 0.97
N HIS A 192 -7.44 16.02 1.98
CA HIS A 192 -6.04 16.38 1.75
C HIS A 192 -5.24 15.07 1.79
N GLY A 193 -4.14 15.07 1.08
CA GLY A 193 -3.47 13.72 0.80
C GLY A 193 -2.89 13.07 2.05
N ARG A 194 -2.18 13.84 2.90
CA ARG A 194 -1.45 13.22 3.98
C ARG A 194 -2.39 12.74 5.07
N SER A 195 -3.31 13.62 5.46
CA SER A 195 -4.30 13.15 6.50
C SER A 195 -5.19 11.99 6.00
N ALA A 196 -5.50 11.92 4.71
CA ALA A 196 -6.25 10.73 4.23
C ALA A 196 -5.31 9.51 4.26
N ALA A 197 -3.99 9.71 4.03
CA ALA A 197 -3.09 8.55 4.05
C ALA A 197 -3.02 8.03 5.52
N VAL A 198 -2.96 8.92 6.49
CA VAL A 198 -2.83 8.53 7.92
C VAL A 198 -4.11 7.82 8.31
N TRP A 199 -5.27 8.30 7.89
CA TRP A 199 -6.49 7.49 8.19
C TRP A 199 -6.40 6.07 7.67
N SER A 200 -5.96 5.92 6.44
CA SER A 200 -5.88 4.56 5.86
C SER A 200 -4.85 3.72 6.69
N LEU A 201 -3.80 4.35 7.20
CA LEU A 201 -2.79 3.61 8.01
C LEU A 201 -3.39 3.18 9.36
N GLY A 202 -4.27 4.02 9.90
CA GLY A 202 -5.10 3.61 11.07
C GLY A 202 -5.99 2.36 10.77
N ILE A 203 -6.66 2.31 9.62
CA ILE A 203 -7.47 1.14 9.21
C ILE A 203 -6.52 -0.07 9.11
N LEU A 204 -5.39 0.15 8.40
CA LEU A 204 -4.45 -0.96 8.21
C LEU A 204 -3.91 -1.49 9.56
N LEU A 205 -3.58 -0.57 10.49
CA LEU A 205 -2.99 -1.07 11.78
C LEU A 205 -4.07 -1.84 12.54
N TYR A 206 -5.33 -1.32 12.57
CA TYR A 206 -6.44 -2.09 13.22
C TYR A 206 -6.57 -3.47 12.52
N ASP A 207 -6.54 -3.49 11.16
CA ASP A 207 -6.58 -4.77 10.43
C ASP A 207 -5.48 -5.73 10.87
N MET A 208 -4.24 -5.25 11.11
CA MET A 208 -3.22 -6.19 11.45
C MET A 208 -3.45 -6.75 12.86
N VAL A 209 -3.79 -5.89 13.83
CA VAL A 209 -3.84 -6.37 15.22
C VAL A 209 -5.18 -7.03 15.57
N CYS A 210 -6.22 -6.81 14.74
CA CYS A 210 -7.52 -7.44 15.03
C CYS A 210 -7.84 -8.55 14.00
N GLY A 211 -7.11 -8.61 12.87
CA GLY A 211 -7.36 -9.61 11.84
C GLY A 211 -8.45 -9.22 10.87
N ASP A 212 -9.05 -8.04 11.00
CA ASP A 212 -9.99 -7.61 9.99
C ASP A 212 -10.15 -6.08 10.11
N ILE A 213 -10.72 -5.41 9.10
CA ILE A 213 -10.87 -3.92 9.17
C ILE A 213 -12.01 -3.52 10.08
N PRO A 214 -11.94 -2.30 10.66
CA PRO A 214 -12.98 -1.91 11.66
C PRO A 214 -14.33 -1.54 11.08
N PHE A 215 -14.37 -1.02 9.82
CA PHE A 215 -15.59 -0.38 9.26
C PHE A 215 -15.90 -1.05 7.93
N GLU A 216 -17.18 -1.44 7.78
CA GLU A 216 -17.67 -1.97 6.49
C GLU A 216 -18.64 -1.00 5.83
N HIS A 217 -19.22 -0.08 6.59
CA HIS A 217 -20.32 0.80 6.07
C HIS A 217 -20.00 2.25 6.21
N ASP A 218 -20.51 3.04 5.26
CA ASP A 218 -20.32 4.45 5.32
C ASP A 218 -20.65 5.05 6.68
N GLU A 219 -21.79 4.65 7.24
CA GLU A 219 -22.25 5.23 8.47
C GLU A 219 -21.22 4.95 9.59
N GLU A 220 -20.54 3.81 9.51
CA GLU A 220 -19.51 3.46 10.57
C GLU A 220 -18.26 4.31 10.39
N ILE A 221 -17.84 4.45 9.14
CA ILE A 221 -16.70 5.39 8.84
C ILE A 221 -16.99 6.81 9.35
N ILE A 222 -18.20 7.36 9.10
CA ILE A 222 -18.41 8.74 9.50
C ILE A 222 -18.58 8.89 10.99
N ARG A 223 -19.07 7.86 11.68
CA ARG A 223 -19.16 7.94 13.16
C ARG A 223 -17.69 7.85 13.77
N GLY A 224 -16.81 7.02 13.20
CA GLY A 224 -15.39 6.99 13.62
C GLY A 224 -15.23 6.35 15.02
N GLN A 225 -16.26 5.67 15.51
CA GLN A 225 -16.15 4.99 16.84
C GLN A 225 -15.48 3.60 16.60
N VAL A 226 -14.43 3.28 17.38
CA VAL A 226 -13.59 2.07 17.14
C VAL A 226 -13.81 1.15 18.34
N PHE A 227 -14.18 -0.10 18.08
CA PHE A 227 -14.38 -1.14 19.12
CA PHE A 227 -14.28 -1.06 19.17
C PHE A 227 -13.34 -2.24 18.85
N PHE A 228 -12.70 -2.79 19.91
CA PHE A 228 -11.71 -3.90 19.74
C PHE A 228 -12.29 -5.17 20.21
N ARG A 229 -12.31 -6.16 19.29
CA ARG A 229 -12.87 -7.49 19.45
C ARG A 229 -11.75 -8.50 19.90
N GLN A 230 -10.50 -8.06 19.83
CA GLN A 230 -9.31 -8.84 20.29
C GLN A 230 -8.59 -8.03 21.38
N ARG A 231 -7.79 -8.72 22.16
CA ARG A 231 -6.98 -8.08 23.16
C ARG A 231 -5.87 -7.28 22.49
N VAL A 232 -5.88 -5.98 22.66
CA VAL A 232 -4.96 -5.06 22.02
C VAL A 232 -4.48 -4.12 23.11
N SER A 233 -3.17 -3.94 23.20
CA SER A 233 -2.64 -3.03 24.24
C SER A 233 -3.18 -1.60 24.19
N SER A 234 -3.18 -0.92 25.34
CA SER A 234 -3.77 0.43 25.36
C SER A 234 -2.92 1.38 24.50
N GLU A 235 -1.61 1.13 24.42
CA GLU A 235 -0.76 2.05 23.57
C GLU A 235 -1.08 1.87 22.08
N CYS A 236 -1.34 0.63 21.65
CA CYS A 236 -1.65 0.33 20.25
C CYS A 236 -3.05 0.91 19.98
N GLN A 237 -4.04 0.71 20.91
CA GLN A 237 -5.40 1.27 20.63
C GLN A 237 -5.32 2.80 20.56
N HIS A 238 -4.45 3.42 21.36
CA HIS A 238 -4.36 4.87 21.40
C HIS A 238 -3.88 5.36 20.01
N LEU A 239 -2.84 4.68 19.47
CA LEU A 239 -2.31 5.07 18.15
C LEU A 239 -3.39 4.92 17.06
N ILE A 240 -4.09 3.77 17.06
CA ILE A 240 -5.13 3.55 16.06
C ILE A 240 -6.14 4.69 16.21
N ARG A 241 -6.63 4.97 17.42
CA ARG A 241 -7.69 5.93 17.53
C ARG A 241 -7.22 7.34 17.15
N TRP A 242 -5.92 7.61 17.34
CA TRP A 242 -5.35 8.89 16.85
C TRP A 242 -5.37 9.02 15.33
N CYS A 243 -4.86 8.00 14.65
CA CYS A 243 -4.89 7.96 13.17
C CYS A 243 -6.30 8.07 12.65
N LEU A 244 -7.28 7.52 13.41
CA LEU A 244 -8.69 7.59 12.95
C LEU A 244 -9.43 8.78 13.57
N ALA A 245 -8.71 9.82 14.00
CA ALA A 245 -9.43 11.07 14.37
C ALA A 245 -10.39 11.57 13.30
N LEU A 246 -11.61 11.96 13.72
CA LEU A 246 -12.60 12.44 12.72
C LEU A 246 -12.15 13.74 12.02
N ARG A 247 -11.63 14.71 12.77
CA ARG A 247 -11.09 15.92 12.16
C ARG A 247 -9.70 15.68 11.53
N PRO A 248 -9.50 16.02 10.26
CA PRO A 248 -8.23 15.63 9.65
C PRO A 248 -7.03 16.22 10.36
N SER A 249 -7.12 17.48 10.79
CA SER A 249 -6.00 18.10 11.49
C SER A 249 -5.68 17.55 12.92
N ASP A 250 -6.54 16.74 13.49
CA ASP A 250 -6.31 16.06 14.76
C ASP A 250 -5.58 14.71 14.55
N ARG A 251 -5.29 14.32 13.32
CA ARG A 251 -4.54 13.03 13.07
C ARG A 251 -3.03 13.31 13.17
N PRO A 252 -2.23 12.29 13.53
CA PRO A 252 -0.83 12.50 13.72
C PRO A 252 -0.10 12.70 12.36
N THR A 253 1.05 13.41 12.35
CA THR A 253 1.96 13.33 11.16
C THR A 253 2.71 12.01 11.17
N PHE A 254 3.42 11.74 10.06
CA PHE A 254 4.23 10.46 10.10
C PHE A 254 5.26 10.49 11.21
N GLU A 255 5.85 11.67 11.51
CA GLU A 255 6.82 11.69 12.55
C GLU A 255 6.16 11.42 13.91
N GLU A 256 4.98 11.96 14.14
CA GLU A 256 4.27 11.68 15.40
C GLU A 256 3.89 10.20 15.53
N ILE A 257 3.53 9.56 14.42
CA ILE A 257 3.27 8.08 14.51
C ILE A 257 4.55 7.36 14.88
N GLN A 258 5.65 7.66 14.17
CA GLN A 258 6.88 6.89 14.47
C GLN A 258 7.52 7.22 15.81
N ASN A 259 7.17 8.36 16.43
CA ASN A 259 7.61 8.66 17.80
C ASN A 259 6.62 8.20 18.83
N HIS A 260 5.52 7.56 18.42
CA HIS A 260 4.54 7.17 19.44
C HIS A 260 5.14 6.10 20.36
N PRO A 261 4.69 6.01 21.62
CA PRO A 261 5.28 4.97 22.51
C PRO A 261 5.11 3.53 21.94
N TRP A 262 4.00 3.27 21.26
CA TRP A 262 3.79 1.88 20.73
C TRP A 262 4.84 1.53 19.69
N MET A 263 5.45 2.55 19.03
CA MET A 263 6.36 2.25 17.88
C MET A 263 7.83 2.07 18.31
N GLN A 264 8.10 2.08 19.62
CA GLN A 264 9.51 2.06 20.07
C GLN A 264 10.01 0.59 20.05
N ASP A 265 11.31 0.41 19.92
CA ASP A 265 11.93 -0.93 19.92
C ASP A 265 11.48 -1.88 18.78
N VAL A 266 11.33 -1.37 17.55
CA VAL A 266 10.91 -2.19 16.39
C VAL A 266 11.97 -3.20 16.08
N LEU A 267 11.55 -4.38 15.69
CA LEU A 267 12.49 -5.40 15.18
C LEU A 267 12.99 -4.99 13.77
N LEU A 268 14.20 -5.42 13.44
CA LEU A 268 14.69 -5.26 12.09
C LEU A 268 13.98 -6.33 11.21
N PRO A 269 13.94 -6.11 9.90
CA PRO A 269 13.20 -7.08 9.05
C PRO A 269 13.75 -8.46 9.18
N GLN A 270 15.10 -8.64 9.16
CA GLN A 270 15.61 -10.05 9.25
C GLN A 270 15.24 -10.74 10.56
N GLU A 271 15.35 -10.02 11.68
CA GLU A 271 14.96 -10.60 12.97
C GLU A 271 13.47 -10.95 12.95
N THR A 272 12.67 -10.10 12.29
CA THR A 272 11.27 -10.37 12.19
C THR A 272 11.02 -11.67 11.45
N ALA A 273 11.74 -11.89 10.38
CA ALA A 273 11.57 -13.16 9.64
C ALA A 273 12.03 -14.33 10.53
N GLU A 274 13.19 -14.16 11.18
CA GLU A 274 13.70 -15.27 12.03
C GLU A 274 12.71 -15.65 13.12
N ILE A 275 12.11 -14.64 13.75
CA ILE A 275 11.19 -14.88 14.87
C ILE A 275 9.81 -15.31 14.46
N HIS A 276 9.25 -14.69 13.42
CA HIS A 276 7.81 -14.85 13.08
C HIS A 276 7.51 -15.54 11.80
N LEU A 277 8.45 -15.62 10.86
CA LEU A 277 8.06 -16.09 9.50
C LEU A 277 8.81 -17.40 9.23
N HIS A 278 9.73 -17.75 10.12
CA HIS A 278 10.47 -18.99 10.07
C HIS A 278 11.27 -19.04 8.81
C10 0F5 B . 4.76 -7.61 -7.81
C13 0F5 B . 3.07 -5.80 -7.98
C15 0F5 B . 1.54 -4.01 -8.58
C17 0F5 B . -0.52 -4.67 -8.96
C21 0F5 B . -2.11 -8.88 -6.43
C22 0F5 B . -3.42 -8.92 -7.22
C24 0F5 B . -3.76 -6.48 -6.37
C26 0F5 B . -2.30 -7.95 -5.21
O19 0F5 B . 2.43 -3.14 -8.48
N16 0F5 B . 0.28 -3.59 -8.90
O20 0F5 B . -1.72 -4.65 -9.21
S18 0F5 B . 0.30 -6.20 -8.53
C14 0F5 B . 1.79 -5.37 -8.37
C12 0F5 B . 3.40 -7.19 -7.65
C11 0F5 B . 2.42 -8.07 -7.20
C08 0F5 B . 5.05 -8.93 -7.44
C09 0F5 B . 4.05 -9.81 -6.96
C07 0F5 B . 2.72 -9.44 -6.85
C03 0F5 B . 1.70 -10.29 -6.31
N02 0F5 B . 0.41 -9.89 -6.31
C01 0F5 B . 1.95 -11.57 -5.77
N05 0F5 B . 0.94 -12.34 -5.26
C06 0F5 B . -0.41 -11.94 -5.26
C04 0F5 B . -0.60 -10.66 -5.82
N28 0F5 B . -1.82 -10.20 -5.86
C23 0F5 B . -3.72 -7.45 -7.61
N27 0F5 B . -4.02 -5.07 -6.72
C25 0F5 B . -2.43 -6.55 -5.83
#